data_5SLG
#
_entry.id   5SLG
#
_cell.length_a   67.621
_cell.length_b   68.321
_cell.length_c   138.503
_cell.angle_alpha   90.000
_cell.angle_beta   90.000
_cell.angle_gamma   90.000
#
_symmetry.space_group_name_H-M   'P 21 21 21'
#
loop_
_entity.id
_entity.type
_entity.pdbx_description
1 polymer 'Proofreading exoribonuclease nsp14'
2 non-polymer 'ZINC ION'
3 non-polymer 'PHOSPHATE ION'
4 non-polymer 1-(3-methylbenzene-1-carbonyl)piperidine-4-carboxamide
5 water water
#
_entity_poly.entity_id   1
_entity_poly.type   'polypeptide(L)'
_entity_poly.pdbx_seq_one_letter_code
;SMLFKDCSKVITGLHPTQAPTHLSVDTKFKTEGLCVDIPGIPKDMTYRRLISMMGFKMNYQVNGYPNMFITREEAIRHVR
AWIGFDVEGCHATREAVGTNLPLQLGFSTGVNLVAVPTGYVDTPNNTDFSRVSAKPPPGDQFKHLIPLMYKGLPWNVVRI
KIVQMLSDTLKNLSDRVVFVLWAHGFELTSMKYFVKIGPERTCCLCDRRATCFSTASDTYACWHHSIGFDYVYNPFMIDV
QQWGFTGNLQSNHDLYCQVHGNAHVASCDAIMTRCLAVHECFVKRVDWTIEYPIIGDELKINAACRKVQHMVVKAALLAD
KFPVLHDIGNPKAIKCVPQADVEWKFYDAQPCSDKAYKIEELFYSYATHSDKFTDGVCLFWNCNVDRYPANSIVCRFDTR
VLSNLNLPGCDGGSLYVNKHAFHTPAFDKSAFVNLKQLPFFYYSDSPCESHGKQVVSDIDYVPLKSATCITRCNLGGAVC
RHHANEYRLYLDAYNMMISAGFSLWVYKQFDTYNLWNTFTRLQ
;
_entity_poly.pdbx_strand_id   D
#
loop_
_chem_comp.id
_chem_comp.type
_chem_comp.name
_chem_comp.formula
NZJ non-polymer 1-(3-methylbenzene-1-carbonyl)piperidine-4-carboxamide 'C14 H18 N2 O2'
PO4 non-polymer 'PHOSPHATE ION' 'O4 P -3'
ZN non-polymer 'ZINC ION' 'Zn 2'
#
# COMPACT_ATOMS: atom_id res chain seq x y z
N PRO A 20 -27.48 -4.33 -4.07
CA PRO A 20 -26.34 -4.69 -3.21
C PRO A 20 -25.14 -3.72 -3.23
N THR A 21 -25.13 -2.73 -4.13
CA THR A 21 -23.94 -1.89 -4.44
C THR A 21 -23.68 -0.96 -3.25
N HIS A 22 -24.57 0.00 -2.96
CA HIS A 22 -24.38 1.04 -1.90
C HIS A 22 -25.03 0.60 -0.58
N LEU A 23 -24.63 1.20 0.53
CA LEU A 23 -25.17 0.92 1.88
C LEU A 23 -26.49 1.67 2.08
N SER A 24 -27.63 0.95 2.18
CA SER A 24 -28.97 1.54 2.40
C SER A 24 -28.92 2.40 3.65
N VAL A 25 -29.38 3.64 3.55
CA VAL A 25 -29.59 4.54 4.74
C VAL A 25 -30.58 3.91 5.73
N ASP A 26 -31.39 2.91 5.32
CA ASP A 26 -32.40 2.28 6.22
C ASP A 26 -31.79 1.04 6.86
N THR A 27 -30.49 0.81 6.67
CA THR A 27 -29.74 -0.24 7.42
C THR A 27 -29.63 0.19 8.88
N LYS A 28 -29.56 -0.76 9.79
CA LYS A 28 -29.52 -0.47 11.24
C LYS A 28 -28.08 -0.21 11.67
N PHE A 29 -27.92 0.72 12.59
CA PHE A 29 -26.62 1.08 13.17
C PHE A 29 -26.68 0.80 14.67
N LYS A 30 -25.72 0.04 15.18
CA LYS A 30 -25.66 -0.35 16.60
C LYS A 30 -25.02 0.82 17.33
N THR A 31 -25.68 1.30 18.40
CA THR A 31 -25.44 2.63 19.00
C THR A 31 -24.76 2.47 20.36
N GLU A 32 -24.52 1.23 20.79
CA GLU A 32 -23.94 0.99 22.13
C GLU A 32 -22.59 1.72 22.28
N GLY A 33 -21.79 1.75 21.20
CA GLY A 33 -20.48 2.44 21.18
C GLY A 33 -20.62 3.94 21.43
N LEU A 34 -21.78 4.53 21.10
CA LEU A 34 -22.03 6.00 21.17
C LEU A 34 -22.53 6.42 22.57
N CYS A 35 -22.93 5.50 23.42
CA CYS A 35 -23.92 5.84 24.47
C CYS A 35 -23.26 6.51 25.68
N VAL A 36 -21.93 6.52 25.77
CA VAL A 36 -21.23 7.27 26.87
C VAL A 36 -21.00 8.75 26.48
N ASP A 37 -20.59 9.04 25.24
CA ASP A 37 -20.50 10.44 24.76
C ASP A 37 -21.91 11.00 24.58
N ILE A 38 -22.85 10.15 24.18
CA ILE A 38 -24.25 10.53 23.85
C ILE A 38 -25.17 9.70 24.72
N PRO A 39 -25.29 10.02 26.02
CA PRO A 39 -26.23 9.32 26.90
C PRO A 39 -27.67 9.48 26.41
N GLY A 40 -28.39 8.36 26.33
CA GLY A 40 -29.84 8.29 26.04
C GLY A 40 -30.09 7.88 24.61
N ILE A 41 -29.03 7.58 23.86
CA ILE A 41 -29.18 7.38 22.40
C ILE A 41 -30.10 6.17 22.20
N PRO A 42 -31.07 6.25 21.28
CA PRO A 42 -31.98 5.13 21.02
C PRO A 42 -31.15 3.92 20.60
N LYS A 43 -31.56 2.72 20.99
CA LYS A 43 -30.91 1.47 20.55
C LYS A 43 -31.30 1.23 19.09
N ASP A 44 -32.46 1.73 18.69
CA ASP A 44 -33.01 1.56 17.31
C ASP A 44 -32.66 2.80 16.49
N MET A 45 -31.79 2.64 15.49
CA MET A 45 -31.14 3.74 14.75
C MET A 45 -30.81 3.24 13.34
N THR A 46 -31.13 4.03 12.31
CA THR A 46 -30.68 3.83 10.91
C THR A 46 -29.57 4.81 10.55
N TYR A 47 -28.88 4.59 9.45
CA TYR A 47 -27.94 5.61 8.91
C TYR A 47 -28.76 6.90 8.73
N ARG A 48 -29.91 6.82 8.06
CA ARG A 48 -30.81 7.98 7.81
C ARG A 48 -30.97 8.81 9.08
N ARG A 49 -31.34 8.18 10.18
CA ARG A 49 -31.55 8.90 11.46
C ARG A 49 -30.20 9.39 12.01
N LEU A 50 -29.14 8.60 11.91
CA LEU A 50 -27.78 9.01 12.37
C LEU A 50 -27.30 10.24 11.57
N ILE A 51 -27.36 10.18 10.25
CA ILE A 51 -26.83 11.30 9.41
C ILE A 51 -27.59 12.57 9.84
N SER A 52 -28.90 12.45 10.05
CA SER A 52 -29.78 13.55 10.49
C SER A 52 -29.36 14.08 11.86
N MET A 53 -29.11 13.18 12.81
CA MET A 53 -28.61 13.49 14.17
C MET A 53 -27.28 14.26 14.05
N MET A 54 -26.43 13.89 13.10
CA MET A 54 -25.10 14.51 12.93
C MET A 54 -25.26 15.89 12.30
N GLY A 55 -26.47 16.25 11.89
CA GLY A 55 -26.82 17.61 11.45
C GLY A 55 -26.70 17.83 9.95
N PHE A 56 -26.73 16.76 9.15
CA PHE A 56 -26.74 16.83 7.67
C PHE A 56 -28.15 16.46 7.16
N LYS A 57 -28.50 16.87 5.95
CA LYS A 57 -29.81 16.52 5.34
C LYS A 57 -29.57 15.99 3.93
N MET A 58 -30.15 14.83 3.62
CA MET A 58 -29.90 14.09 2.35
C MET A 58 -30.99 14.41 1.29
N ASN A 59 -32.02 15.21 1.63
CA ASN A 59 -33.06 15.76 0.71
C ASN A 59 -33.45 14.78 -0.40
N TYR A 60 -33.97 13.59 -0.03
CA TYR A 60 -34.30 12.45 -0.95
C TYR A 60 -33.61 12.66 -2.30
N GLN A 61 -32.28 12.68 -2.29
CA GLN A 61 -31.41 13.06 -3.44
C GLN A 61 -30.89 11.79 -4.12
N VAL A 62 -31.42 11.47 -5.30
CA VAL A 62 -30.65 10.69 -6.32
C VAL A 62 -29.66 11.67 -6.94
N ASN A 63 -28.41 11.67 -6.49
CA ASN A 63 -27.29 12.39 -7.16
C ASN A 63 -25.94 11.78 -6.76
N GLY A 64 -25.80 10.45 -6.85
CA GLY A 64 -24.53 9.71 -6.72
C GLY A 64 -23.91 9.73 -5.31
N TYR A 65 -24.59 10.30 -4.32
CA TYR A 65 -24.15 10.33 -2.88
C TYR A 65 -25.29 9.80 -2.01
N PRO A 66 -25.66 8.52 -2.14
CA PRO A 66 -26.86 8.03 -1.44
C PRO A 66 -26.63 7.97 0.09
N ASN A 67 -25.39 7.87 0.55
CA ASN A 67 -25.09 7.62 1.98
C ASN A 67 -23.67 8.08 2.33
N MET A 68 -23.53 8.81 3.44
CA MET A 68 -22.21 9.19 3.98
C MET A 68 -21.48 7.89 4.32
N PHE A 69 -22.19 6.89 4.83
CA PHE A 69 -21.55 5.64 5.29
C PHE A 69 -21.48 4.71 4.09
N ILE A 70 -20.58 3.72 4.14
CA ILE A 70 -20.31 2.80 3.01
C ILE A 70 -20.15 1.39 3.57
N THR A 71 -20.24 0.41 2.68
CA THR A 71 -20.09 -1.03 3.00
C THR A 71 -18.60 -1.35 3.19
N ARG A 72 -18.33 -2.41 3.94
CA ARG A 72 -17.01 -3.07 4.06
C ARG A 72 -16.41 -3.26 2.65
N GLU A 73 -17.19 -3.74 1.68
CA GLU A 73 -16.73 -4.01 0.30
C GLU A 73 -16.34 -2.71 -0.38
N GLU A 74 -17.20 -1.68 -0.31
CA GLU A 74 -16.91 -0.37 -0.95
C GLU A 74 -15.64 0.21 -0.30
N ALA A 75 -15.52 0.13 1.03
CA ALA A 75 -14.31 0.57 1.77
C ALA A 75 -13.08 -0.17 1.23
N ILE A 76 -13.15 -1.49 1.01
CA ILE A 76 -11.98 -2.27 0.50
C ILE A 76 -11.60 -1.78 -0.90
N ARG A 77 -12.55 -1.51 -1.78
CA ARG A 77 -12.22 -0.98 -3.12
C ARG A 77 -11.54 0.37 -2.96
N HIS A 78 -11.73 1.10 -1.85
CA HIS A 78 -11.29 2.52 -1.72
C HIS A 78 -10.30 2.61 -0.56
N VAL A 79 -9.49 1.58 -0.35
CA VAL A 79 -8.50 1.49 0.76
C VAL A 79 -7.50 2.64 0.65
N ARG A 80 -7.15 3.04 -0.58
CA ARG A 80 -6.18 4.14 -0.80
C ARG A 80 -6.73 5.44 -0.22
N ALA A 81 -8.06 5.53 -0.02
CA ALA A 81 -8.73 6.73 0.55
C ALA A 81 -8.75 6.71 2.09
N TRP A 82 -8.33 5.63 2.76
CA TRP A 82 -8.62 5.44 4.21
C TRP A 82 -7.79 6.45 5.00
N ILE A 83 -8.47 7.23 5.85
CA ILE A 83 -7.88 8.10 6.90
C ILE A 83 -8.60 7.78 8.20
N GLY A 84 -7.92 7.15 9.15
CA GLY A 84 -8.47 6.88 10.48
C GLY A 84 -8.73 8.23 11.10
N PHE A 85 -9.87 8.37 11.77
CA PHE A 85 -10.29 9.66 12.39
C PHE A 85 -10.86 9.36 13.77
N ASP A 86 -10.45 10.18 14.73
CA ASP A 86 -10.84 10.05 16.14
C ASP A 86 -10.86 11.43 16.79
N VAL A 87 -11.85 11.67 17.63
CA VAL A 87 -11.97 12.93 18.39
C VAL A 87 -11.98 12.51 19.86
N GLU A 88 -11.35 13.31 20.70
CA GLU A 88 -11.27 13.07 22.17
C GLU A 88 -11.59 14.41 22.85
N GLY A 89 -12.60 14.40 23.71
CA GLY A 89 -12.85 15.45 24.72
C GLY A 89 -11.54 15.81 25.39
N CYS A 90 -11.19 17.10 25.39
CA CYS A 90 -9.99 17.68 26.06
C CYS A 90 -10.38 18.06 27.50
N HIS A 91 -11.61 18.55 27.68
CA HIS A 91 -12.21 18.94 29.00
C HIS A 91 -13.41 18.04 29.31
N GLY A 98 -17.99 18.44 23.56
CA GLY A 98 -19.35 18.99 23.48
C GLY A 98 -19.40 20.48 23.78
N THR A 99 -19.73 21.30 22.76
CA THR A 99 -20.04 22.77 22.75
C THR A 99 -19.38 23.55 23.88
N ASN A 100 -19.40 23.02 25.12
CA ASN A 100 -18.68 23.57 26.30
C ASN A 100 -17.17 23.56 26.02
N LEU A 101 -16.61 22.40 25.63
CA LEU A 101 -15.17 22.06 25.84
C LEU A 101 -14.39 21.95 24.54
N PRO A 102 -13.05 22.05 24.62
CA PRO A 102 -12.18 21.84 23.47
C PRO A 102 -12.12 20.35 23.05
N LEU A 103 -11.99 20.10 21.74
CA LEU A 103 -11.87 18.74 21.17
C LEU A 103 -10.47 18.56 20.58
N GLN A 104 -9.88 17.40 20.80
CA GLN A 104 -8.64 16.95 20.11
C GLN A 104 -9.04 16.11 18.89
N LEU A 105 -8.64 16.53 17.69
CA LEU A 105 -8.93 15.83 16.41
C LEU A 105 -7.66 15.09 15.97
N GLY A 106 -7.75 13.78 15.80
CA GLY A 106 -6.61 12.92 15.45
C GLY A 106 -6.79 12.32 14.06
N PHE A 107 -5.73 12.19 13.30
CA PHE A 107 -5.82 11.52 11.98
C PHE A 107 -4.66 10.52 11.89
N SER A 108 -4.83 9.46 11.08
CA SER A 108 -3.83 8.36 10.91
C SER A 108 -2.57 8.88 10.19
N THR A 109 -2.59 10.13 9.75
CA THR A 109 -1.41 10.91 9.31
C THR A 109 -0.48 11.21 10.49
N GLY A 110 -0.94 11.12 11.75
CA GLY A 110 -0.12 11.42 12.95
C GLY A 110 -0.40 12.82 13.50
N VAL A 111 -1.34 13.54 12.90
CA VAL A 111 -1.68 14.95 13.25
C VAL A 111 -2.76 14.99 14.35
N ASN A 112 -2.52 15.85 15.34
CA ASN A 112 -3.53 16.22 16.36
C ASN A 112 -3.81 17.72 16.25
N LEU A 113 -5.04 18.11 15.87
CA LEU A 113 -5.53 19.51 15.95
C LEU A 113 -6.42 19.66 17.18
N VAL A 114 -6.33 20.78 17.90
CA VAL A 114 -7.32 21.12 18.96
C VAL A 114 -8.24 22.21 18.47
N ALA A 115 -9.55 21.91 18.35
CA ALA A 115 -10.63 22.90 18.07
C ALA A 115 -11.22 23.41 19.39
N VAL A 116 -11.38 24.73 19.52
CA VAL A 116 -12.08 25.43 20.65
C VAL A 116 -13.36 26.01 20.10
N PRO A 117 -14.48 25.99 20.85
CA PRO A 117 -15.77 26.42 20.29
C PRO A 117 -15.97 27.95 20.37
N THR A 118 -15.13 28.68 21.13
CA THR A 118 -15.09 30.17 21.21
C THR A 118 -16.07 30.80 20.20
N PRO A 147 2.37 12.02 15.93
CA PRO A 147 2.76 12.69 17.18
C PRO A 147 2.28 14.16 17.23
N LEU A 148 2.33 14.86 16.09
CA LEU A 148 2.27 16.35 15.96
C LEU A 148 1.07 16.91 16.73
N MET A 149 1.33 17.76 17.74
CA MET A 149 0.35 18.25 18.76
C MET A 149 0.22 19.78 18.70
N TYR A 150 -0.81 20.30 18.01
CA TYR A 150 -1.09 21.76 17.80
C TYR A 150 -2.03 22.28 18.90
N LYS A 151 -1.86 23.56 19.27
CA LYS A 151 -2.58 24.27 20.37
C LYS A 151 -3.98 24.71 19.91
N GLY A 152 -4.84 25.12 20.84
CA GLY A 152 -6.29 25.31 20.63
C GLY A 152 -6.61 26.44 19.67
N LEU A 153 -7.49 26.20 18.70
CA LEU A 153 -7.82 27.19 17.64
C LEU A 153 -9.26 26.98 17.16
N PRO A 154 -9.97 28.08 16.78
CA PRO A 154 -11.37 27.95 16.40
C PRO A 154 -11.52 27.13 15.11
N TRP A 155 -12.73 26.62 14.91
CA TRP A 155 -13.12 25.73 13.78
C TRP A 155 -12.85 26.37 12.42
N ASN A 156 -13.01 27.70 12.33
CA ASN A 156 -12.94 28.42 11.03
C ASN A 156 -11.51 28.27 10.52
N VAL A 157 -10.49 28.19 11.39
CA VAL A 157 -9.10 27.91 10.91
C VAL A 157 -8.87 26.39 10.86
N VAL A 158 -9.32 25.66 11.89
CA VAL A 158 -9.07 24.19 11.97
C VAL A 158 -9.53 23.54 10.65
N ARG A 159 -10.65 23.97 10.08
CA ARG A 159 -11.22 23.28 8.88
C ARG A 159 -10.31 23.48 7.66
N ILE A 160 -9.66 24.65 7.55
CA ILE A 160 -8.64 24.98 6.48
C ILE A 160 -7.47 23.98 6.54
N LYS A 161 -6.84 23.82 7.70
CA LYS A 161 -5.76 22.82 7.91
C LYS A 161 -6.26 21.43 7.51
N ILE A 162 -7.52 21.09 7.80
CA ILE A 162 -8.01 19.70 7.55
C ILE A 162 -8.01 19.47 6.03
N VAL A 163 -8.49 20.45 5.27
CA VAL A 163 -8.54 20.39 3.78
C VAL A 163 -7.09 20.27 3.28
N GLN A 164 -6.17 21.11 3.75
CA GLN A 164 -4.75 21.13 3.30
C GLN A 164 -4.17 19.72 3.50
N MET A 165 -4.28 19.22 4.72
CA MET A 165 -3.74 17.91 5.15
C MET A 165 -4.31 16.76 4.30
N LEU A 166 -5.63 16.63 4.23
CA LEU A 166 -6.27 15.54 3.43
C LEU A 166 -5.89 15.69 1.96
N SER A 167 -5.85 16.91 1.44
CA SER A 167 -5.45 17.18 0.03
C SER A 167 -4.03 16.67 -0.24
N ASP A 168 -3.07 17.08 0.58
CA ASP A 168 -1.64 16.69 0.36
C ASP A 168 -1.48 15.18 0.49
N THR A 169 -2.15 14.54 1.46
CA THR A 169 -2.04 13.09 1.72
C THR A 169 -2.65 12.32 0.55
N LEU A 170 -3.77 12.80 0.00
CA LEU A 170 -4.61 11.94 -0.87
C LEU A 170 -4.52 12.28 -2.35
N LYS A 171 -4.05 13.46 -2.77
CA LYS A 171 -4.21 13.88 -4.20
C LYS A 171 -3.55 12.85 -5.14
N ASN A 172 -2.50 12.16 -4.69
CA ASN A 172 -1.83 11.12 -5.51
C ASN A 172 -2.25 9.69 -5.11
N LEU A 173 -3.28 9.51 -4.29
CA LEU A 173 -3.78 8.17 -3.88
C LEU A 173 -5.16 7.92 -4.47
N SER A 174 -6.08 8.89 -4.36
CA SER A 174 -7.53 8.63 -4.42
C SER A 174 -8.31 9.87 -4.86
N ASP A 175 -9.51 9.64 -5.41
CA ASP A 175 -10.56 10.63 -5.78
C ASP A 175 -11.49 10.98 -4.61
N ARG A 176 -11.29 10.42 -3.42
CA ARG A 176 -12.19 10.62 -2.25
C ARG A 176 -11.41 10.47 -0.94
N VAL A 177 -12.11 10.62 0.18
CA VAL A 177 -11.66 10.27 1.56
C VAL A 177 -12.67 9.29 2.19
N VAL A 178 -12.15 8.29 2.90
CA VAL A 178 -12.94 7.35 3.76
C VAL A 178 -12.45 7.50 5.21
N PHE A 179 -13.17 8.25 6.04
CA PHE A 179 -12.82 8.37 7.46
C PHE A 179 -13.13 7.01 8.08
N VAL A 180 -12.11 6.36 8.64
CA VAL A 180 -12.22 5.04 9.29
C VAL A 180 -12.32 5.34 10.79
N LEU A 181 -13.45 4.95 11.38
CA LEU A 181 -13.87 5.33 12.76
C LEU A 181 -13.90 4.10 13.65
N TRP A 182 -13.65 4.32 14.92
CA TRP A 182 -14.15 3.48 16.03
C TRP A 182 -15.05 4.41 16.86
N ALA A 183 -16.31 4.54 16.44
CA ALA A 183 -17.18 5.69 16.77
C ALA A 183 -17.62 5.62 18.23
N HIS A 184 -17.41 6.71 18.97
CA HIS A 184 -17.94 6.86 20.35
C HIS A 184 -18.80 8.14 20.47
N GLY A 185 -18.86 8.98 19.43
CA GLY A 185 -19.86 10.05 19.31
C GLY A 185 -19.27 11.41 18.95
N PHE A 186 -18.24 11.86 19.65
CA PHE A 186 -17.65 13.21 19.41
C PHE A 186 -17.10 13.34 17.97
N GLU A 187 -16.64 12.24 17.37
CA GLU A 187 -16.13 12.30 15.98
C GLU A 187 -17.31 12.53 15.02
N LEU A 188 -18.42 11.83 15.21
CA LEU A 188 -19.63 12.01 14.37
C LEU A 188 -20.19 13.43 14.55
N THR A 189 -20.33 13.91 15.77
CA THR A 189 -20.95 15.22 16.00
C THR A 189 -19.98 16.34 15.59
N SER A 190 -18.68 16.07 15.42
CA SER A 190 -17.72 17.12 14.99
C SER A 190 -17.77 17.33 13.48
N MET A 191 -18.42 16.46 12.72
CA MET A 191 -18.27 16.51 11.25
C MET A 191 -18.92 17.76 10.67
N LYS A 192 -20.01 18.21 11.25
CA LYS A 192 -20.77 19.37 10.72
C LYS A 192 -19.87 20.59 10.62
N TYR A 193 -18.80 20.63 11.42
CA TYR A 193 -17.95 21.83 11.59
C TYR A 193 -16.96 21.93 10.42
N PHE A 194 -16.71 20.83 9.71
CA PHE A 194 -15.70 20.83 8.63
C PHE A 194 -16.18 20.07 7.41
N VAL A 195 -17.46 19.66 7.33
CA VAL A 195 -17.98 18.84 6.18
C VAL A 195 -19.24 19.50 5.67
N LYS A 196 -19.36 19.72 4.34
CA LYS A 196 -20.62 19.97 3.61
C LYS A 196 -20.86 18.78 2.70
N ILE A 197 -22.11 18.40 2.50
CA ILE A 197 -22.51 17.30 1.57
C ILE A 197 -23.46 17.88 0.50
N GLY A 198 -23.85 17.08 -0.48
CA GLY A 198 -24.73 17.51 -1.56
C GLY A 198 -24.59 16.59 -2.76
N PRO A 199 -25.00 17.03 -3.96
CA PRO A 199 -24.87 16.16 -5.13
C PRO A 199 -23.38 16.05 -5.53
N GLU A 200 -23.01 14.88 -6.04
CA GLU A 200 -21.68 14.66 -6.66
C GLU A 200 -21.41 15.83 -7.61
N ARG A 201 -20.19 16.34 -7.61
CA ARG A 201 -19.79 17.54 -8.40
C ARG A 201 -18.44 17.29 -9.03
N THR A 202 -18.03 18.13 -9.97
CA THR A 202 -16.65 18.07 -10.52
C THR A 202 -15.86 19.30 -10.05
N CYS A 203 -14.54 19.17 -10.01
CA CYS A 203 -13.60 20.28 -9.74
C CYS A 203 -13.95 21.47 -10.64
N CYS A 204 -13.73 22.69 -10.18
CA CYS A 204 -13.86 23.91 -11.02
C CYS A 204 -12.73 23.92 -12.07
N LEU A 205 -11.54 23.42 -11.74
CA LEU A 205 -10.32 23.55 -12.57
C LEU A 205 -10.00 22.25 -13.34
N CYS A 206 -10.69 21.13 -13.11
CA CYS A 206 -10.46 19.85 -13.83
C CYS A 206 -11.74 19.00 -13.84
N ASP A 207 -11.65 17.79 -14.38
CA ASP A 207 -12.79 16.85 -14.57
C ASP A 207 -12.81 15.79 -13.44
N ARG A 208 -11.88 15.86 -12.50
CA ARG A 208 -11.89 15.03 -11.26
C ARG A 208 -13.10 15.39 -10.39
N ARG A 209 -13.69 14.41 -9.70
CA ARG A 209 -14.84 14.67 -8.80
C ARG A 209 -14.36 15.63 -7.71
N ALA A 210 -15.29 16.42 -7.18
CA ALA A 210 -15.08 17.40 -6.08
C ALA A 210 -14.99 16.63 -4.76
N THR A 211 -13.97 16.97 -3.97
CA THR A 211 -13.69 16.50 -2.60
C THR A 211 -13.62 17.67 -1.61
N CYS A 212 -13.68 18.92 -2.07
CA CYS A 212 -13.54 20.13 -1.21
C CYS A 212 -14.49 21.24 -1.68
N PHE A 213 -14.77 22.18 -0.79
CA PHE A 213 -15.67 23.33 -1.04
C PHE A 213 -15.10 24.57 -0.35
N SER A 214 -15.22 25.74 -0.99
CA SER A 214 -14.80 27.03 -0.42
C SER A 214 -16.04 27.90 -0.26
N THR A 215 -16.33 28.38 0.95
CA THR A 215 -17.41 29.35 1.24
C THR A 215 -16.98 30.75 0.80
N ALA A 216 -15.68 30.97 0.59
CA ALA A 216 -15.13 32.27 0.11
C ALA A 216 -15.51 32.51 -1.36
N SER A 217 -15.21 31.55 -2.23
CA SER A 217 -15.39 31.67 -3.71
C SER A 217 -16.65 30.93 -4.14
N ASP A 218 -17.31 30.19 -3.25
CA ASP A 218 -18.54 29.42 -3.56
C ASP A 218 -18.31 28.33 -4.62
N THR A 219 -17.15 27.67 -4.62
CA THR A 219 -16.73 26.72 -5.68
C THR A 219 -16.30 25.37 -5.09
N TYR A 220 -16.06 24.43 -5.99
CA TYR A 220 -15.71 23.02 -5.68
C TYR A 220 -14.37 22.67 -6.32
N ALA A 221 -13.46 22.05 -5.56
CA ALA A 221 -12.18 21.56 -6.12
C ALA A 221 -12.01 20.09 -5.80
N CYS A 222 -11.17 19.42 -6.58
CA CYS A 222 -10.59 18.09 -6.27
C CYS A 222 -9.43 18.28 -5.28
N TRP A 223 -8.72 17.21 -4.93
CA TRP A 223 -7.57 17.25 -3.98
C TRP A 223 -6.42 18.08 -4.60
N HIS A 224 -6.28 18.04 -5.92
CA HIS A 224 -5.17 18.73 -6.66
C HIS A 224 -5.36 20.25 -6.64
N HIS A 225 -6.60 20.75 -6.56
CA HIS A 225 -6.93 22.18 -6.82
C HIS A 225 -7.51 22.88 -5.61
N SER A 226 -7.35 22.30 -4.42
CA SER A 226 -8.15 22.61 -3.21
C SER A 226 -7.53 23.75 -2.38
N ILE A 227 -6.49 24.41 -2.86
CA ILE A 227 -5.67 25.34 -2.01
C ILE A 227 -6.55 26.51 -1.56
N GLY A 228 -6.55 26.86 -0.27
CA GLY A 228 -7.42 27.92 0.27
C GLY A 228 -8.87 27.48 0.43
N PHE A 229 -9.23 26.20 0.25
CA PHE A 229 -10.62 25.71 0.54
C PHE A 229 -10.76 25.36 2.02
N ASP A 230 -12.00 25.45 2.53
CA ASP A 230 -12.32 25.42 3.99
C ASP A 230 -13.24 24.24 4.31
N TYR A 231 -13.87 23.56 3.36
CA TYR A 231 -14.74 22.40 3.69
C TYR A 231 -14.40 21.15 2.88
N VAL A 232 -14.44 20.01 3.57
CA VAL A 232 -14.43 18.65 2.99
C VAL A 232 -15.81 18.43 2.38
N TYR A 233 -15.84 18.02 1.11
CA TYR A 233 -17.12 17.86 0.37
C TYR A 233 -17.36 16.40 0.06
N ASN A 234 -18.51 15.87 0.53
CA ASN A 234 -19.01 14.51 0.21
C ASN A 234 -17.93 13.50 0.57
N PRO A 235 -17.45 13.51 1.84
CA PRO A 235 -16.56 12.47 2.32
C PRO A 235 -17.31 11.15 2.46
N PHE A 236 -16.58 10.06 2.65
CA PHE A 236 -17.16 8.76 3.09
C PHE A 236 -16.60 8.40 4.47
N MET A 237 -17.31 7.51 5.14
CA MET A 237 -16.97 7.03 6.50
C MET A 237 -17.51 5.61 6.69
N ILE A 238 -16.84 4.85 7.55
CA ILE A 238 -17.23 3.48 7.99
C ILE A 238 -16.84 3.36 9.47
N ASP A 239 -17.77 2.87 10.31
CA ASP A 239 -17.50 2.70 11.75
C ASP A 239 -17.12 1.23 11.97
N VAL A 240 -15.83 0.98 12.19
CA VAL A 240 -15.24 -0.37 12.43
C VAL A 240 -16.03 -1.06 13.55
N GLN A 241 -16.46 -0.30 14.55
CA GLN A 241 -17.17 -0.86 15.71
C GLN A 241 -18.45 -1.60 15.27
N GLN A 242 -19.01 -1.33 14.07
CA GLN A 242 -20.21 -2.02 13.54
C GLN A 242 -19.90 -3.45 13.10
N TRP A 243 -18.64 -3.87 13.11
CA TRP A 243 -18.22 -5.13 12.46
C TRP A 243 -18.35 -6.30 13.43
N GLY A 244 -18.62 -6.02 14.70
CA GLY A 244 -18.92 -7.04 15.72
C GLY A 244 -17.64 -7.48 16.36
N PHE A 245 -17.16 -6.68 17.30
CA PHE A 245 -15.95 -6.92 18.12
C PHE A 245 -16.41 -6.98 19.58
N THR A 246 -15.65 -7.66 20.43
CA THR A 246 -15.74 -7.61 21.92
C THR A 246 -14.62 -6.74 22.47
N GLY A 247 -14.96 -5.83 23.37
CA GLY A 247 -13.96 -5.03 24.10
C GLY A 247 -13.47 -3.89 23.23
N ASN A 248 -12.61 -3.05 23.79
CA ASN A 248 -12.30 -1.71 23.25
C ASN A 248 -11.30 -1.80 22.08
N LEU A 249 -10.93 -0.64 21.54
CA LEU A 249 -10.04 -0.52 20.35
C LEU A 249 -8.67 -1.11 20.66
N GLN A 250 -8.06 -0.70 21.77
CA GLN A 250 -6.64 -1.04 22.08
C GLN A 250 -6.55 -2.57 22.25
N SER A 251 -7.49 -3.17 22.96
CA SER A 251 -7.51 -4.64 23.20
C SER A 251 -7.63 -5.37 21.86
N ASN A 252 -8.31 -4.80 20.87
CA ASN A 252 -8.55 -5.50 19.59
C ASN A 252 -7.32 -5.31 18.69
N HIS A 253 -6.80 -4.09 18.61
CA HIS A 253 -5.60 -3.73 17.81
C HIS A 253 -4.42 -4.58 18.29
N ASP A 254 -4.19 -4.59 19.61
CA ASP A 254 -2.98 -5.20 20.25
C ASP A 254 -2.98 -6.73 20.15
N LEU A 255 -4.09 -7.37 19.81
CA LEU A 255 -4.10 -8.81 19.42
C LEU A 255 -3.14 -9.05 18.25
N TYR A 256 -2.97 -8.05 17.38
CA TYR A 256 -2.39 -8.21 16.02
C TYR A 256 -1.10 -7.42 15.84
N CYS A 257 -0.96 -6.31 16.56
CA CYS A 257 0.03 -5.28 16.18
C CYS A 257 0.73 -4.73 17.43
N GLN A 258 2.05 -4.90 17.46
CA GLN A 258 2.97 -4.46 18.53
C GLN A 258 3.62 -3.11 18.14
N VAL A 259 3.40 -2.59 16.94
CA VAL A 259 4.25 -1.48 16.40
C VAL A 259 3.61 -0.12 16.68
N HIS A 260 2.29 -0.05 16.73
CA HIS A 260 1.55 1.19 17.10
C HIS A 260 1.18 1.13 18.58
N GLY A 261 1.62 2.09 19.37
CA GLY A 261 1.34 2.14 20.83
C GLY A 261 0.11 2.97 21.11
N ASN A 262 -0.29 3.08 22.37
CA ASN A 262 -1.36 4.01 22.79
C ASN A 262 -0.82 4.98 23.83
N ALA A 263 -0.57 6.22 23.39
CA ALA A 263 -0.17 7.35 24.26
C ALA A 263 -1.41 8.06 24.81
N HIS A 264 -2.63 7.59 24.49
CA HIS A 264 -3.91 8.20 24.95
C HIS A 264 -4.04 9.59 24.32
N VAL A 265 -3.91 9.64 22.99
CA VAL A 265 -4.08 10.88 22.19
C VAL A 265 -4.76 10.49 20.89
N ALA A 266 -5.51 11.42 20.32
CA ALA A 266 -6.50 11.15 19.26
C ALA A 266 -5.78 10.52 18.06
N SER A 267 -4.59 10.98 17.71
CA SER A 267 -3.85 10.46 16.54
C SER A 267 -3.53 8.99 16.74
N CYS A 268 -3.14 8.55 17.95
CA CYS A 268 -2.82 7.12 18.21
C CYS A 268 -4.04 6.22 17.96
N ASP A 269 -5.23 6.62 18.41
CA ASP A 269 -6.45 5.80 18.22
C ASP A 269 -6.79 5.79 16.73
N ALA A 270 -6.63 6.92 16.05
CA ALA A 270 -6.90 7.07 14.60
C ALA A 270 -6.05 6.06 13.84
N ILE A 271 -4.81 5.88 14.29
CA ILE A 271 -3.82 4.98 13.63
C ILE A 271 -4.22 3.53 13.93
N MET A 272 -4.47 3.21 15.19
CA MET A 272 -4.94 1.85 15.59
C MET A 272 -6.21 1.46 14.81
N THR A 273 -7.15 2.39 14.65
CA THR A 273 -8.45 2.17 13.98
C THR A 273 -8.15 1.70 12.55
N ARG A 274 -7.39 2.49 11.79
CA ARG A 274 -7.03 2.14 10.38
C ARG A 274 -6.26 0.81 10.34
N CYS A 275 -5.30 0.61 11.26
CA CYS A 275 -4.43 -0.60 11.34
C CYS A 275 -5.33 -1.83 11.54
N LEU A 276 -6.21 -1.80 12.57
CA LEU A 276 -7.16 -2.91 12.84
C LEU A 276 -8.03 -3.20 11.60
N ALA A 277 -8.55 -2.15 10.98
CA ALA A 277 -9.32 -2.25 9.72
C ALA A 277 -8.47 -2.95 8.66
N VAL A 278 -7.22 -2.52 8.46
CA VAL A 278 -6.37 -3.14 7.41
C VAL A 278 -6.16 -4.62 7.77
N HIS A 279 -5.89 -4.92 9.04
CA HIS A 279 -5.75 -6.32 9.55
C HIS A 279 -6.98 -7.16 9.14
N GLU A 280 -8.17 -6.65 9.44
CA GLU A 280 -9.47 -7.32 9.16
C GLU A 280 -9.69 -7.54 7.67
N CYS A 281 -9.30 -6.56 6.85
CA CYS A 281 -9.70 -6.53 5.43
C CYS A 281 -8.62 -7.13 4.51
N PHE A 282 -7.35 -7.22 4.97
CA PHE A 282 -6.20 -7.50 4.07
C PHE A 282 -5.24 -8.57 4.61
N VAL A 283 -5.11 -8.70 5.93
CA VAL A 283 -4.31 -9.77 6.59
C VAL A 283 -5.18 -11.03 6.70
N LYS A 284 -6.20 -10.98 7.55
CA LYS A 284 -7.02 -12.18 7.88
C LYS A 284 -7.81 -12.58 6.64
N ARG A 285 -8.56 -11.64 6.05
CA ARG A 285 -9.28 -11.85 4.78
C ARG A 285 -8.42 -11.27 3.65
N VAL A 286 -8.33 -11.98 2.52
CA VAL A 286 -7.53 -11.62 1.33
C VAL A 286 -8.45 -11.72 0.10
N ASP A 287 -8.40 -10.76 -0.82
CA ASP A 287 -9.17 -10.83 -2.09
C ASP A 287 -8.32 -10.38 -3.27
N TRP A 288 -7.84 -11.33 -4.07
CA TRP A 288 -7.00 -11.08 -5.27
C TRP A 288 -7.89 -11.03 -6.52
N THR A 289 -9.21 -10.98 -6.34
CA THR A 289 -10.18 -10.75 -7.44
C THR A 289 -10.59 -9.28 -7.50
N ILE A 290 -10.04 -8.40 -6.66
CA ILE A 290 -10.37 -6.94 -6.69
C ILE A 290 -9.25 -6.23 -7.45
N GLU A 291 -9.62 -5.48 -8.49
CA GLU A 291 -8.73 -4.57 -9.24
C GLU A 291 -8.62 -3.28 -8.43
N TYR A 292 -7.64 -2.44 -8.73
CA TYR A 292 -7.50 -1.07 -8.18
C TYR A 292 -6.97 -0.23 -9.32
N PRO A 293 -7.38 1.05 -9.49
CA PRO A 293 -6.96 1.83 -10.64
C PRO A 293 -5.46 2.10 -10.65
N ILE A 294 -4.92 2.48 -11.82
CA ILE A 294 -3.52 2.95 -12.05
C ILE A 294 -3.46 4.39 -11.55
N ILE A 295 -2.53 4.68 -10.63
CA ILE A 295 -2.28 6.04 -10.07
C ILE A 295 -0.81 6.42 -10.20
N GLY A 296 0.05 5.51 -10.69
CA GLY A 296 1.49 5.79 -10.82
C GLY A 296 2.16 4.94 -11.88
N ASP A 297 3.34 4.43 -11.57
CA ASP A 297 4.23 3.75 -12.55
C ASP A 297 3.99 2.24 -12.51
N GLU A 298 2.82 1.82 -12.02
CA GLU A 298 2.47 0.40 -11.88
C GLU A 298 3.05 -0.35 -13.08
N LEU A 299 2.75 0.11 -14.29
CA LEU A 299 3.02 -0.66 -15.52
C LEU A 299 4.53 -0.77 -15.77
N LYS A 300 5.27 0.32 -15.60
CA LYS A 300 6.74 0.32 -15.80
C LYS A 300 7.37 -0.62 -14.76
N ILE A 301 6.96 -0.52 -13.49
CA ILE A 301 7.55 -1.28 -12.35
C ILE A 301 7.33 -2.77 -12.61
N ASN A 302 6.17 -3.12 -13.15
CA ASN A 302 5.77 -4.54 -13.37
C ASN A 302 6.63 -5.09 -14.52
N ALA A 303 6.78 -4.32 -15.59
CA ALA A 303 7.63 -4.66 -16.75
C ALA A 303 9.09 -4.82 -16.28
N ALA A 304 9.56 -3.85 -15.51
CA ALA A 304 10.92 -3.81 -14.96
C ALA A 304 11.18 -5.12 -14.21
N CYS A 305 10.21 -5.55 -13.42
CA CYS A 305 10.35 -6.69 -12.50
C CYS A 305 10.52 -7.95 -13.33
N ARG A 306 9.73 -8.07 -14.40
CA ARG A 306 9.79 -9.20 -15.35
C ARG A 306 11.16 -9.19 -16.04
N LYS A 307 11.71 -8.02 -16.41
CA LYS A 307 13.01 -7.96 -17.12
C LYS A 307 14.15 -8.35 -16.17
N VAL A 308 14.18 -7.81 -14.96
CA VAL A 308 15.22 -8.15 -13.95
C VAL A 308 15.13 -9.65 -13.61
N GLN A 309 13.92 -10.19 -13.51
CA GLN A 309 13.79 -11.61 -13.08
C GLN A 309 14.47 -12.50 -14.12
N HIS A 310 14.19 -12.28 -15.39
CA HIS A 310 14.78 -13.05 -16.53
C HIS A 310 16.32 -12.90 -16.49
N MET A 311 16.78 -11.67 -16.36
CA MET A 311 18.22 -11.28 -16.39
C MET A 311 18.95 -12.05 -15.28
N VAL A 312 18.43 -11.96 -14.06
CA VAL A 312 19.19 -12.39 -12.86
C VAL A 312 19.26 -13.91 -12.82
N VAL A 313 18.19 -14.55 -13.24
CA VAL A 313 18.03 -16.01 -13.20
C VAL A 313 18.81 -16.61 -14.36
N LYS A 314 18.67 -16.02 -15.55
CA LYS A 314 19.49 -16.39 -16.75
C LYS A 314 20.98 -16.36 -16.44
N ALA A 315 21.44 -15.28 -15.83
CA ALA A 315 22.87 -15.12 -15.46
C ALA A 315 23.27 -16.12 -14.37
N ALA A 316 22.39 -16.37 -13.39
CA ALA A 316 22.62 -17.37 -12.32
C ALA A 316 22.92 -18.75 -12.95
N LEU A 317 22.15 -19.18 -13.94
CA LEU A 317 22.27 -20.56 -14.48
C LEU A 317 23.51 -20.65 -15.36
N LEU A 318 23.85 -19.60 -16.12
CA LEU A 318 25.04 -19.58 -17.02
C LEU A 318 26.30 -19.64 -16.18
N ALA A 319 26.38 -18.76 -15.16
CA ALA A 319 27.47 -18.60 -14.18
C ALA A 319 27.72 -19.91 -13.39
N ASP A 320 26.69 -20.50 -12.77
CA ASP A 320 26.92 -21.57 -11.77
C ASP A 320 26.36 -22.91 -12.27
N LYS A 321 25.67 -22.95 -13.40
CA LYS A 321 25.30 -24.20 -14.13
C LYS A 321 24.60 -25.19 -13.19
N PHE A 322 23.63 -24.74 -12.39
CA PHE A 322 22.75 -25.62 -11.57
C PHE A 322 21.96 -26.58 -12.46
N PRO A 323 21.93 -27.88 -12.14
CA PRO A 323 21.12 -28.85 -12.89
C PRO A 323 19.61 -28.75 -12.58
N VAL A 324 19.23 -28.24 -11.42
CA VAL A 324 17.79 -28.12 -11.03
C VAL A 324 17.54 -26.75 -10.37
N LEU A 325 16.44 -26.09 -10.75
CA LEU A 325 15.96 -24.84 -10.09
C LEU A 325 14.62 -25.13 -9.40
N HIS A 326 14.49 -24.85 -8.10
CA HIS A 326 13.21 -24.96 -7.33
C HIS A 326 12.53 -23.59 -7.27
N ASP A 327 11.41 -23.45 -7.98
CA ASP A 327 10.74 -22.13 -8.17
C ASP A 327 9.61 -22.10 -7.14
N ILE A 328 9.80 -21.43 -6.00
CA ILE A 328 8.86 -21.45 -4.84
C ILE A 328 8.07 -20.14 -4.84
N GLY A 329 6.75 -20.21 -5.04
CA GLY A 329 5.85 -19.06 -4.92
C GLY A 329 4.67 -19.17 -5.86
N ASN A 330 4.42 -18.10 -6.61
CA ASN A 330 3.18 -17.89 -7.40
C ASN A 330 2.81 -19.18 -8.10
N PRO A 331 1.63 -19.75 -7.78
CA PRO A 331 1.18 -20.96 -8.45
C PRO A 331 0.76 -20.72 -9.91
N LYS A 332 0.71 -19.50 -10.41
CA LYS A 332 0.51 -19.26 -11.87
C LYS A 332 1.85 -19.14 -12.61
N ALA A 333 3.00 -19.19 -11.92
CA ALA A 333 4.33 -18.81 -12.48
C ALA A 333 4.64 -19.61 -13.74
N ILE A 334 5.29 -18.97 -14.72
CA ILE A 334 5.96 -19.62 -15.87
C ILE A 334 7.47 -19.58 -15.60
N LYS A 335 8.21 -20.48 -16.23
CA LYS A 335 9.68 -20.39 -16.41
C LYS A 335 10.05 -19.00 -16.93
N CYS A 336 10.77 -18.19 -16.13
CA CYS A 336 11.19 -16.80 -16.45
C CYS A 336 12.36 -16.80 -17.46
N VAL A 337 13.06 -17.94 -17.60
CA VAL A 337 14.13 -18.21 -18.62
C VAL A 337 13.76 -19.49 -19.40
N PRO A 338 12.82 -19.38 -20.36
CA PRO A 338 12.29 -20.55 -21.06
C PRO A 338 13.31 -21.42 -21.81
N GLN A 339 14.47 -20.88 -22.16
CA GLN A 339 15.45 -21.57 -23.03
C GLN A 339 16.52 -22.27 -22.17
N ALA A 340 16.52 -22.03 -20.85
CA ALA A 340 17.62 -22.45 -19.95
C ALA A 340 17.68 -23.98 -19.85
N ASP A 341 18.84 -24.55 -19.55
CA ASP A 341 19.03 -26.01 -19.70
C ASP A 341 18.36 -26.76 -18.54
N VAL A 342 18.27 -26.10 -17.38
CA VAL A 342 18.01 -26.68 -16.04
C VAL A 342 16.69 -27.49 -15.96
N GLU A 343 16.61 -28.40 -15.00
CA GLU A 343 15.33 -29.04 -14.57
C GLU A 343 14.53 -28.00 -13.74
N TRP A 344 13.42 -27.51 -14.28
CA TRP A 344 12.56 -26.46 -13.66
C TRP A 344 11.37 -27.11 -12.91
N LYS A 345 11.42 -27.09 -11.58
CA LYS A 345 10.43 -27.71 -10.66
C LYS A 345 9.73 -26.59 -9.88
N PHE A 346 8.40 -26.59 -9.87
CA PHE A 346 7.57 -25.52 -9.25
C PHE A 346 6.93 -26.04 -7.97
N TYR A 347 6.90 -25.15 -7.01
CA TYR A 347 6.28 -25.29 -5.69
C TYR A 347 5.36 -24.08 -5.57
N ASP A 348 4.12 -24.35 -5.14
CA ASP A 348 2.98 -23.41 -5.10
C ASP A 348 2.92 -22.81 -3.71
N ALA A 349 2.84 -21.49 -3.64
CA ALA A 349 2.60 -20.76 -2.39
C ALA A 349 2.08 -19.38 -2.76
N GLN A 350 1.00 -18.98 -2.10
CA GLN A 350 0.40 -17.65 -2.31
C GLN A 350 1.25 -16.67 -1.52
N PRO A 351 1.15 -15.35 -1.82
CA PRO A 351 1.85 -14.34 -1.02
C PRO A 351 1.42 -14.50 0.44
N CYS A 352 2.36 -14.55 1.38
CA CYS A 352 2.08 -14.51 2.84
C CYS A 352 1.76 -13.07 3.20
N SER A 353 0.58 -12.83 3.76
CA SER A 353 0.04 -11.48 4.05
C SER A 353 0.10 -11.19 5.55
N ASP A 354 0.38 -12.18 6.41
CA ASP A 354 0.40 -11.96 7.87
C ASP A 354 1.85 -12.09 8.36
N LYS A 355 2.30 -13.30 8.67
CA LYS A 355 3.68 -13.64 9.07
C LYS A 355 4.41 -14.22 7.84
N ALA A 356 5.71 -13.94 7.69
CA ALA A 356 6.57 -14.64 6.72
C ALA A 356 6.45 -16.16 6.92
N TYR A 357 6.39 -16.92 5.84
CA TYR A 357 6.49 -18.41 5.84
C TYR A 357 7.73 -18.83 6.62
N LYS A 358 7.60 -19.83 7.50
CA LYS A 358 8.75 -20.52 8.12
C LYS A 358 9.29 -21.54 7.11
N ILE A 359 10.57 -21.40 6.75
CA ILE A 359 11.18 -22.26 5.69
C ILE A 359 11.08 -23.74 6.12
N GLU A 360 11.07 -24.04 7.42
CA GLU A 360 10.83 -25.41 7.96
C GLU A 360 9.58 -25.99 7.31
N GLU A 361 8.47 -25.24 7.30
CA GLU A 361 7.16 -25.74 6.83
C GLU A 361 7.20 -25.80 5.29
N LEU A 362 7.70 -24.78 4.61
CA LEU A 362 7.73 -24.80 3.12
C LEU A 362 8.37 -26.10 2.60
N PHE A 363 9.45 -26.56 3.23
CA PHE A 363 10.41 -27.55 2.68
C PHE A 363 10.26 -28.92 3.33
N TYR A 364 10.55 -29.02 4.62
CA TYR A 364 10.48 -30.29 5.39
C TYR A 364 9.01 -30.72 5.49
N SER A 365 8.63 -31.44 6.53
CA SER A 365 7.44 -32.32 6.55
C SER A 365 7.52 -33.27 5.34
N TYR A 366 8.74 -33.67 4.98
CA TYR A 366 9.08 -34.65 3.90
C TYR A 366 9.07 -33.95 2.54
N HIS A 369 7.95 -33.19 -4.80
CA HIS A 369 9.09 -32.23 -4.69
C HIS A 369 10.34 -32.81 -5.38
N SER A 370 11.39 -32.01 -5.51
CA SER A 370 12.77 -32.53 -5.68
C SER A 370 13.30 -32.87 -4.29
N ASP A 371 12.50 -32.54 -3.25
CA ASP A 371 12.74 -32.89 -1.82
C ASP A 371 14.06 -32.23 -1.40
N LYS A 372 15.19 -32.67 -1.98
CA LYS A 372 16.53 -32.03 -1.86
C LYS A 372 16.49 -30.64 -2.52
N PHE A 373 16.13 -29.63 -1.72
CA PHE A 373 16.20 -28.17 -2.02
C PHE A 373 17.60 -27.62 -1.76
N THR A 374 18.54 -28.50 -1.40
CA THR A 374 20.00 -28.23 -1.24
C THR A 374 20.68 -28.48 -2.58
N ASP A 375 20.05 -29.29 -3.45
CA ASP A 375 20.41 -29.49 -4.87
C ASP A 375 20.07 -28.22 -5.66
N GLY A 376 21.03 -27.75 -6.46
CA GLY A 376 20.88 -26.61 -7.37
C GLY A 376 20.54 -25.33 -6.63
N VAL A 377 19.59 -24.57 -7.18
CA VAL A 377 19.27 -23.20 -6.70
C VAL A 377 17.77 -23.07 -6.44
N CYS A 378 17.40 -22.23 -5.47
CA CYS A 378 16.00 -21.94 -5.09
C CYS A 378 15.69 -20.50 -5.47
N LEU A 379 14.57 -20.31 -6.16
CA LEU A 379 14.07 -19.00 -6.61
C LEU A 379 12.85 -18.63 -5.76
N PHE A 380 13.03 -17.68 -4.85
CA PHE A 380 11.95 -17.02 -4.08
C PHE A 380 11.67 -15.66 -4.70
N TRP A 381 10.76 -15.57 -5.65
CA TRP A 381 10.36 -14.28 -6.26
C TRP A 381 9.16 -13.69 -5.54
N ASN A 382 9.37 -12.83 -4.56
CA ASN A 382 8.34 -12.26 -3.67
C ASN A 382 7.61 -13.40 -2.94
N CYS A 383 8.32 -14.47 -2.60
CA CYS A 383 7.87 -15.52 -1.67
C CYS A 383 8.62 -15.35 -0.34
N ASN A 384 8.08 -14.49 0.53
CA ASN A 384 8.75 -13.92 1.73
C ASN A 384 8.82 -15.00 2.80
N VAL A 385 10.02 -15.46 3.18
CA VAL A 385 10.22 -16.42 4.29
C VAL A 385 11.05 -15.74 5.38
N ASP A 386 11.21 -16.45 6.49
CA ASP A 386 11.93 -15.97 7.69
C ASP A 386 13.45 -16.06 7.45
N ARG A 387 13.92 -17.09 6.73
CA ARG A 387 15.36 -17.36 6.53
C ARG A 387 15.53 -18.13 5.22
N TYR A 388 16.03 -17.46 4.17
CA TYR A 388 16.28 -18.15 2.88
C TYR A 388 17.49 -19.06 3.10
N PRO A 389 17.50 -20.24 2.47
CA PRO A 389 18.70 -21.07 2.48
C PRO A 389 19.77 -20.40 1.62
N ALA A 390 21.04 -20.77 1.79
CA ALA A 390 22.22 -20.18 1.10
C ALA A 390 22.09 -20.29 -0.44
N ASN A 391 21.50 -21.35 -0.99
CA ASN A 391 21.44 -21.60 -2.47
C ASN A 391 20.17 -20.96 -3.08
N SER A 392 19.98 -19.66 -2.81
CA SER A 392 18.74 -18.92 -3.16
C SER A 392 19.03 -17.69 -4.04
N ILE A 393 18.10 -17.42 -4.96
CA ILE A 393 17.92 -16.14 -5.69
C ILE A 393 16.61 -15.56 -5.15
N VAL A 394 16.62 -14.34 -4.62
CA VAL A 394 15.47 -13.79 -3.86
C VAL A 394 15.16 -12.40 -4.42
N CYS A 395 13.88 -12.10 -4.65
CA CYS A 395 13.32 -10.73 -4.73
C CYS A 395 12.44 -10.56 -3.48
N ARG A 396 12.58 -9.49 -2.71
CA ARG A 396 11.82 -9.31 -1.46
C ARG A 396 11.44 -7.86 -1.36
N PHE A 397 10.15 -7.56 -1.13
CA PHE A 397 9.63 -6.18 -1.06
C PHE A 397 9.99 -5.57 0.31
N ASP A 398 10.51 -4.36 0.27
CA ASP A 398 10.89 -3.61 1.49
C ASP A 398 9.72 -2.71 1.87
N THR A 399 8.96 -3.18 2.84
CA THR A 399 7.75 -2.55 3.41
C THR A 399 8.05 -1.13 3.91
N ARG A 400 9.29 -0.76 4.24
CA ARG A 400 9.59 0.60 4.77
C ARG A 400 9.61 1.63 3.62
N VAL A 401 9.58 1.21 2.35
CA VAL A 401 9.66 2.17 1.21
C VAL A 401 8.48 3.15 1.26
N LEU A 402 8.75 4.45 1.14
CA LEU A 402 7.75 5.51 0.86
C LEU A 402 7.40 5.51 -0.63
N SER A 403 6.14 5.21 -1.00
CA SER A 403 5.59 5.46 -2.37
C SER A 403 4.07 5.61 -2.30
N ASN A 404 3.46 6.08 -3.39
CA ASN A 404 2.01 6.17 -3.61
C ASN A 404 1.38 4.78 -3.74
N LEU A 405 2.18 3.73 -3.92
CA LEU A 405 1.63 2.36 -4.10
C LEU A 405 1.61 1.65 -2.77
N ASN A 406 2.55 2.00 -1.88
CA ASN A 406 2.75 1.31 -0.58
C ASN A 406 2.07 2.12 0.54
N LEU A 407 1.02 1.55 1.13
CA LEU A 407 0.26 2.15 2.26
C LEU A 407 0.69 1.49 3.55
N PRO A 408 0.79 2.25 4.66
CA PRO A 408 1.11 1.71 5.98
C PRO A 408 0.19 0.57 6.39
N GLY A 409 0.74 -0.48 6.98
CA GLY A 409 -0.06 -1.67 7.29
C GLY A 409 0.03 -2.02 8.75
N CYS A 410 -0.09 -3.32 9.04
N CYS A 410 -0.13 -3.32 9.01
CA CYS A 410 -0.33 -3.90 10.40
CA CYS A 410 -0.24 -3.92 10.36
C CYS A 410 0.93 -4.63 10.91
C CYS A 410 1.10 -4.48 10.84
N ASP A 411 1.41 -4.25 12.10
CA ASP A 411 2.52 -4.96 12.80
C ASP A 411 3.84 -4.83 11.99
N GLY A 412 4.09 -3.63 11.48
CA GLY A 412 5.30 -3.27 10.72
C GLY A 412 5.21 -3.71 9.27
N GLY A 413 4.16 -4.46 8.92
CA GLY A 413 3.87 -4.79 7.52
C GLY A 413 3.40 -3.55 6.81
N SER A 414 3.23 -3.63 5.50
CA SER A 414 2.73 -2.52 4.65
C SER A 414 1.75 -3.14 3.67
N LEU A 415 0.88 -2.32 3.08
CA LEU A 415 -0.13 -2.75 2.08
C LEU A 415 0.31 -2.28 0.71
N TYR A 416 0.78 -3.18 -0.15
CA TYR A 416 1.32 -2.80 -1.49
C TYR A 416 0.19 -2.87 -2.51
N VAL A 417 -0.31 -1.73 -2.95
CA VAL A 417 -1.48 -1.75 -3.89
C VAL A 417 -0.95 -1.40 -5.29
N ASN A 418 -0.82 -2.42 -6.13
CA ASN A 418 -0.41 -2.32 -7.56
C ASN A 418 -1.24 -3.35 -8.32
N LYS A 419 -2.26 -2.89 -9.07
CA LYS A 419 -3.31 -3.73 -9.70
C LYS A 419 -4.11 -4.47 -8.60
N HIS A 420 -3.45 -5.29 -7.79
CA HIS A 420 -4.04 -5.99 -6.62
C HIS A 420 -3.50 -5.37 -5.33
N ALA A 421 -4.12 -5.69 -4.19
CA ALA A 421 -3.69 -5.27 -2.85
C ALA A 421 -3.03 -6.46 -2.15
N PHE A 422 -1.79 -6.28 -1.70
CA PHE A 422 -0.93 -7.31 -1.07
C PHE A 422 -0.37 -6.79 0.25
N HIS A 423 -1.01 -7.13 1.36
CA HIS A 423 -0.39 -6.88 2.68
C HIS A 423 0.90 -7.69 2.72
N THR A 424 1.99 -7.06 3.13
CA THR A 424 3.35 -7.69 3.10
C THR A 424 3.89 -7.63 4.53
N PRO A 425 4.34 -8.77 5.08
CA PRO A 425 4.98 -8.78 6.39
C PRO A 425 6.21 -7.86 6.47
N ALA A 426 6.50 -7.33 7.65
CA ALA A 426 7.60 -6.40 7.95
C ALA A 426 8.89 -6.92 7.31
N PHE A 427 9.57 -6.07 6.55
CA PHE A 427 10.94 -6.31 6.03
C PHE A 427 11.84 -6.70 7.21
N ASP A 428 12.59 -7.81 7.09
CA ASP A 428 13.43 -8.37 8.17
C ASP A 428 14.82 -8.72 7.62
N LYS A 429 15.84 -7.91 7.96
CA LYS A 429 17.24 -8.06 7.45
C LYS A 429 17.77 -9.48 7.76
N SER A 430 17.40 -10.04 8.91
CA SER A 430 17.98 -11.32 9.41
C SER A 430 17.63 -12.44 8.46
N ALA A 431 16.58 -12.31 7.65
CA ALA A 431 16.13 -13.31 6.65
C ALA A 431 17.22 -13.65 5.64
N PHE A 432 18.09 -12.68 5.34
CA PHE A 432 19.09 -12.74 4.23
C PHE A 432 20.50 -13.11 4.72
N VAL A 433 20.65 -13.66 5.93
CA VAL A 433 21.98 -13.88 6.57
C VAL A 433 22.81 -14.83 5.72
N ASN A 434 22.20 -15.79 5.04
CA ASN A 434 22.93 -16.80 4.20
C ASN A 434 23.22 -16.26 2.79
N LEU A 435 22.78 -15.05 2.48
CA LEU A 435 22.89 -14.46 1.12
C LEU A 435 23.68 -13.15 1.20
N LYS A 436 23.87 -12.50 0.04
CA LYS A 436 24.41 -11.12 -0.07
C LYS A 436 23.50 -10.32 -1.01
N GLN A 437 23.64 -9.00 -0.98
CA GLN A 437 22.96 -8.12 -1.96
C GLN A 437 23.48 -8.47 -3.36
N LEU A 438 22.56 -8.59 -4.32
CA LEU A 438 22.88 -8.85 -5.73
C LEU A 438 23.38 -7.57 -6.38
N PRO A 439 24.63 -7.53 -6.89
CA PRO A 439 25.15 -6.31 -7.50
C PRO A 439 24.41 -6.03 -8.82
N PHE A 440 24.32 -4.77 -9.23
CA PHE A 440 23.73 -4.41 -10.55
C PHE A 440 24.64 -4.98 -11.63
N PHE A 441 24.04 -5.48 -12.71
CA PHE A 441 24.79 -5.84 -13.93
C PHE A 441 23.78 -6.04 -15.06
N TYR A 442 24.25 -5.84 -16.29
CA TYR A 442 23.52 -6.18 -17.53
C TYR A 442 24.33 -7.24 -18.27
N TYR A 443 23.69 -8.34 -18.66
CA TYR A 443 24.30 -9.44 -19.44
C TYR A 443 23.44 -9.65 -20.69
N SER A 444 24.07 -9.76 -21.84
CA SER A 444 23.42 -10.14 -23.11
C SER A 444 24.37 -10.98 -23.96
N ASP A 445 23.83 -12.04 -24.54
CA ASP A 445 24.51 -12.85 -25.57
C ASP A 445 23.88 -12.54 -26.93
N SER A 446 22.90 -11.64 -27.00
CA SER A 446 22.29 -11.22 -28.28
C SER A 446 23.40 -10.69 -29.19
N PRO A 447 23.26 -10.78 -30.54
CA PRO A 447 24.29 -10.26 -31.44
C PRO A 447 24.33 -8.72 -31.39
N CYS A 448 25.51 -8.17 -31.70
CA CYS A 448 25.82 -6.72 -31.72
C CYS A 448 25.37 -6.25 -33.11
N GLU A 449 24.22 -5.59 -33.19
CA GLU A 449 23.57 -5.29 -34.48
C GLU A 449 22.43 -4.31 -34.21
N SER A 450 22.60 -3.08 -34.72
CA SER A 450 21.77 -1.88 -34.41
C SER A 450 20.33 -2.09 -34.89
N HIS A 451 20.08 -1.97 -36.21
CA HIS A 451 18.72 -2.06 -36.83
C HIS A 451 17.93 -0.74 -36.67
N GLY A 452 16.88 -0.57 -37.47
CA GLY A 452 15.90 0.54 -37.35
C GLY A 452 16.38 1.81 -38.04
N ILE A 459 17.35 7.08 -31.06
CA ILE A 459 18.07 6.88 -29.77
C ILE A 459 19.51 7.40 -29.91
N ASP A 460 19.71 8.73 -29.78
CA ASP A 460 21.01 9.45 -30.00
C ASP A 460 22.06 9.05 -28.95
N TYR A 461 23.34 8.98 -29.37
CA TYR A 461 24.42 8.19 -28.72
C TYR A 461 25.45 9.11 -28.02
N VAL A 462 26.00 8.58 -26.90
CA VAL A 462 27.36 8.85 -26.35
C VAL A 462 28.02 7.49 -26.11
N PRO A 463 29.28 7.24 -26.51
CA PRO A 463 29.89 5.92 -26.30
C PRO A 463 29.77 5.52 -24.82
N LEU A 464 29.22 4.32 -24.55
CA LEU A 464 29.01 3.82 -23.16
C LEU A 464 30.28 3.11 -22.70
N LYS A 465 30.77 3.49 -21.52
CA LYS A 465 31.88 2.77 -20.84
C LYS A 465 31.34 2.23 -19.51
N SER A 466 31.35 0.92 -19.30
CA SER A 466 30.86 0.32 -18.04
C SER A 466 31.56 -1.00 -17.80
N ALA A 467 32.08 -1.20 -16.58
CA ALA A 467 32.51 -2.52 -16.06
C ALA A 467 31.34 -3.53 -16.04
N THR A 468 30.09 -3.07 -15.89
CA THR A 468 28.93 -3.97 -15.61
C THR A 468 28.11 -4.25 -16.88
N CYS A 469 28.57 -3.81 -18.05
CA CYS A 469 27.94 -4.14 -19.36
C CYS A 469 28.62 -5.40 -19.90
N ILE A 470 28.11 -6.58 -19.52
CA ILE A 470 28.78 -7.87 -19.80
C ILE A 470 28.27 -8.38 -21.17
N THR A 471 29.04 -8.09 -22.21
CA THR A 471 28.68 -8.37 -23.62
C THR A 471 29.96 -8.76 -24.36
N ARG A 472 29.82 -9.43 -25.52
CA ARG A 472 30.93 -9.73 -26.45
C ARG A 472 31.69 -8.44 -26.74
N CYS A 473 30.95 -7.38 -27.09
CA CYS A 473 31.51 -6.10 -27.58
C CYS A 473 32.35 -5.48 -26.48
N ASN A 474 31.88 -5.56 -25.23
CA ASN A 474 32.63 -4.97 -24.09
C ASN A 474 33.87 -5.83 -23.83
N LEU A 475 33.78 -7.14 -24.06
CA LEU A 475 34.90 -8.10 -23.87
C LEU A 475 36.03 -7.69 -24.81
N GLY A 476 35.67 -7.47 -26.07
CA GLY A 476 36.48 -6.85 -27.13
C GLY A 476 36.75 -5.36 -26.90
N GLY A 477 36.34 -4.77 -25.77
CA GLY A 477 36.82 -3.45 -25.30
C GLY A 477 36.11 -2.23 -25.90
N ALA A 478 35.07 -2.40 -26.72
CA ALA A 478 34.25 -1.28 -27.27
C ALA A 478 32.77 -1.68 -27.39
N VAL A 479 31.91 -1.19 -26.49
CA VAL A 479 30.46 -1.55 -26.44
C VAL A 479 29.75 -1.06 -27.72
N CYS A 480 29.07 -1.94 -28.46
CA CYS A 480 28.31 -1.63 -29.70
C CYS A 480 27.07 -0.80 -29.34
N ARG A 481 26.46 -0.09 -30.31
CA ARG A 481 25.41 0.91 -30.01
C ARG A 481 24.18 0.16 -29.46
N HIS A 482 23.79 -0.93 -30.10
CA HIS A 482 22.64 -1.78 -29.68
C HIS A 482 22.77 -2.13 -28.19
N HIS A 483 23.90 -2.72 -27.78
CA HIS A 483 24.09 -3.17 -26.38
C HIS A 483 24.14 -1.97 -25.43
N ALA A 484 24.54 -0.80 -25.91
CA ALA A 484 24.56 0.43 -25.08
C ALA A 484 23.14 0.98 -24.86
N ASN A 485 22.25 0.90 -25.87
CA ASN A 485 20.82 1.28 -25.77
C ASN A 485 20.13 0.30 -24.81
N GLU A 486 20.37 -1.00 -25.00
CA GLU A 486 19.77 -2.09 -24.20
C GLU A 486 20.25 -1.98 -22.76
N TYR A 487 21.53 -1.73 -22.56
CA TYR A 487 22.12 -1.55 -21.22
C TYR A 487 21.42 -0.38 -20.53
N ARG A 488 21.29 0.74 -21.22
CA ARG A 488 20.81 1.98 -20.57
C ARG A 488 19.33 1.82 -20.21
N LEU A 489 18.55 1.15 -21.07
CA LEU A 489 17.16 0.73 -20.79
C LEU A 489 17.12 -0.17 -19.55
N TYR A 490 17.99 -1.18 -19.47
CA TYR A 490 17.94 -2.19 -18.39
C TYR A 490 18.32 -1.55 -17.07
N LEU A 491 19.23 -0.60 -17.09
CA LEU A 491 19.60 0.17 -15.87
C LEU A 491 18.38 0.99 -15.39
N ASP A 492 17.63 1.59 -16.31
CA ASP A 492 16.44 2.41 -15.95
C ASP A 492 15.38 1.54 -15.28
N ALA A 493 15.04 0.42 -15.93
CA ALA A 493 14.12 -0.60 -15.40
C ALA A 493 14.63 -0.99 -13.99
N TYR A 494 15.89 -1.33 -13.86
CA TYR A 494 16.47 -1.78 -12.57
C TYR A 494 16.25 -0.72 -11.47
N ASN A 495 16.49 0.56 -11.77
CA ASN A 495 16.32 1.67 -10.80
C ASN A 495 14.84 1.89 -10.44
N MET A 496 13.96 1.80 -11.43
CA MET A 496 12.50 1.91 -11.25
C MET A 496 12.10 0.93 -10.14
N MET A 497 12.50 -0.32 -10.37
CA MET A 497 12.17 -1.50 -9.57
C MET A 497 12.74 -1.36 -8.15
N ILE A 498 14.00 -0.95 -8.06
CA ILE A 498 14.68 -0.79 -6.75
C ILE A 498 13.94 0.33 -6.02
N SER A 499 13.78 1.46 -6.66
CA SER A 499 13.21 2.67 -6.03
C SER A 499 11.72 2.41 -5.70
N ALA A 500 11.06 1.43 -6.31
CA ALA A 500 9.68 1.00 -5.95
C ALA A 500 9.65 0.16 -4.66
N GLY A 501 10.82 -0.24 -4.14
CA GLY A 501 10.97 -0.89 -2.82
C GLY A 501 11.43 -2.34 -2.88
N PHE A 502 11.46 -2.98 -4.05
CA PHE A 502 11.97 -4.35 -4.18
C PHE A 502 13.48 -4.40 -3.95
N SER A 503 13.94 -5.48 -3.37
CA SER A 503 15.37 -5.67 -3.02
C SER A 503 15.76 -7.09 -3.45
N LEU A 504 16.97 -7.24 -3.98
CA LEU A 504 17.43 -8.50 -4.62
C LEU A 504 18.61 -9.05 -3.82
N TRP A 505 18.70 -10.37 -3.68
CA TRP A 505 19.71 -11.05 -2.83
C TRP A 505 20.16 -12.32 -3.55
N VAL A 506 21.38 -12.79 -3.34
CA VAL A 506 21.85 -14.00 -4.07
C VAL A 506 22.82 -14.79 -3.21
N TYR A 507 22.91 -16.09 -3.46
CA TYR A 507 23.94 -16.97 -2.88
C TYR A 507 25.31 -16.29 -2.98
N LYS A 508 26.17 -16.52 -1.99
CA LYS A 508 27.44 -15.77 -1.84
C LYS A 508 28.42 -16.07 -2.99
N GLN A 509 28.45 -17.28 -3.55
CA GLN A 509 29.38 -17.67 -4.64
C GLN A 509 29.12 -16.87 -5.94
N PHE A 510 27.98 -16.19 -6.07
CA PHE A 510 27.62 -15.54 -7.36
C PHE A 510 28.68 -14.50 -7.73
N ASP A 511 29.16 -14.54 -8.97
CA ASP A 511 30.31 -13.74 -9.45
C ASP A 511 30.10 -13.40 -10.93
N THR A 512 29.90 -12.12 -11.28
CA THR A 512 29.62 -11.74 -12.69
C THR A 512 30.83 -12.07 -13.57
N TYR A 513 32.00 -12.24 -12.96
CA TYR A 513 33.26 -12.65 -13.64
C TYR A 513 33.02 -13.95 -14.39
N ASN A 514 32.15 -14.82 -13.87
CA ASN A 514 31.94 -16.18 -14.41
C ASN A 514 31.15 -16.07 -15.70
N LEU A 515 30.59 -14.90 -16.03
CA LEU A 515 29.73 -14.75 -17.25
C LEU A 515 30.60 -14.54 -18.51
N TRP A 516 31.79 -13.95 -18.37
CA TRP A 516 32.62 -13.54 -19.55
C TRP A 516 33.02 -14.75 -20.42
N ASN A 517 33.17 -15.95 -19.86
CA ASN A 517 33.53 -17.17 -20.63
C ASN A 517 32.31 -17.85 -21.26
N THR A 518 31.11 -17.27 -21.20
CA THR A 518 29.89 -17.77 -21.91
C THR A 518 29.90 -17.21 -23.32
N PHE A 519 30.77 -16.25 -23.59
CA PHE A 519 31.32 -15.94 -24.94
C PHE A 519 32.80 -16.37 -24.97
N THR A 520 33.20 -17.15 -26.00
CA THR A 520 34.62 -17.49 -26.31
C THR A 520 34.77 -17.71 -27.83
ZN ZN B . -1.18 -1.30 14.51
ZN ZN C . 27.40 -5.49 -28.62
ZN ZN D . -9.25 19.64 -9.99
P PO4 E . -9.82 4.94 -5.06
O1 PO4 E . -9.52 6.20 -5.89
O2 PO4 E . -8.88 3.79 -5.45
O3 PO4 E . -11.25 4.53 -5.33
O4 PO4 E . -9.65 5.25 -3.58
P PO4 F . 19.11 -7.95 -25.55
O1 PO4 F . 20.18 -7.43 -26.50
O2 PO4 F . 19.56 -9.27 -24.90
O3 PO4 F . 18.88 -6.92 -24.43
O4 PO4 F . 17.84 -8.16 -26.36
N1 NZJ G . 3.73 -10.78 -6.12
C4 NZJ G . 1.99 -14.95 -6.19
C5 NZJ G . 2.50 -13.76 -6.68
C6 NZJ G . 3.66 -13.23 -6.14
C7 NZJ G . 4.31 -13.92 -5.10
C8 NZJ G . 4.25 -11.93 -6.62
C10 NZJ G . 3.33 -10.07 -3.75
C13 NZJ G . 4.03 -9.42 -6.63
C1 NZJ G . 4.50 -15.82 -3.44
C11 NZJ G . 4.37 -9.05 -4.18
C12 NZJ G . 3.93 -8.39 -5.50
C14 NZJ G . 4.60 -8.06 -3.05
C2 NZJ G . 3.81 -15.12 -4.58
C3 NZJ G . 2.64 -15.62 -5.17
C9 NZJ G . 2.79 -10.81 -5.00
N2 NZJ G . 4.96 -8.59 -1.88
O1 NZJ G . 5.21 -11.97 -7.43
O2 NZJ G . 4.49 -6.85 -3.26
#